data_4WBP
#
_entry.id   4WBP
#
_cell.length_a   66.000
_cell.length_b   66.000
_cell.length_c   117.701
_cell.angle_alpha   90.000
_cell.angle_beta   90.000
_cell.angle_gamma   120.000
#
_symmetry.space_group_name_H-M   'P 31 2 1'
#
loop_
_entity.id
_entity.type
_entity.pdbx_description
1 polymer Caprin-1
2 water water
#
_entity_poly.entity_id   1
_entity_poly.type   'polypeptide(L)'
_entity_poly.pdbx_seq_one_letter_code
;RREQL(MSE)REEAEQKRLKTVLELQYVLDKLGDDEVRTDLKQGLNGVPILSEEELSLLDEFYKLVDPERD(MSE)SLRL
NEQYEHASIHLWDLLEGKEKPVCGTTYKVLKEIVERVFQSNYFDSTHN
;
_entity_poly.pdbx_strand_id   A,B
#
# COMPACT_ATOMS: atom_id res chain seq x y z
N ARG A 1 -14.70 24.86 -3.39
CA ARG A 1 -14.22 23.98 -2.32
C ARG A 1 -15.36 23.17 -1.70
N ARG A 2 -15.73 22.07 -2.36
CA ARG A 2 -16.48 20.99 -1.70
C ARG A 2 -16.60 19.82 -2.65
N GLU A 3 -16.39 20.09 -3.94
CA GLU A 3 -16.36 19.05 -4.93
C GLU A 3 -14.95 18.49 -4.93
N GLN A 4 -14.01 19.40 -4.74
CA GLN A 4 -12.60 19.05 -4.65
C GLN A 4 -12.37 18.30 -3.35
N LEU A 5 -12.96 18.82 -2.27
CA LEU A 5 -12.82 18.20 -0.96
C LEU A 5 -13.46 16.82 -0.98
N ARG A 7 -13.81 14.81 -3.74
CA ARG A 7 -12.99 13.91 -4.54
C ARG A 7 -11.74 13.47 -3.76
N GLU A 8 -11.09 14.44 -3.13
CA GLU A 8 -9.90 14.18 -2.34
C GLU A 8 -10.17 13.22 -1.20
N GLU A 9 -11.24 13.49 -0.45
CA GLU A 9 -11.62 12.62 0.65
C GLU A 9 -11.93 11.20 0.18
N ALA A 10 -12.60 11.07 -0.96
CA ALA A 10 -12.93 9.76 -1.50
C ALA A 10 -11.67 8.98 -1.89
N GLU A 11 -10.75 9.67 -2.55
CA GLU A 11 -9.50 9.04 -2.96
C GLU A 11 -8.71 8.59 -1.74
N GLN A 12 -8.62 9.48 -0.76
CA GLN A 12 -7.91 9.19 0.47
C GLN A 12 -8.50 8.03 1.26
N LYS A 13 -9.82 8.00 1.41
CA LYS A 13 -10.47 6.91 2.12
C LYS A 13 -10.21 5.59 1.38
N ARG A 14 -10.16 5.65 0.05
CA ARG A 14 -9.82 4.46 -0.71
C ARG A 14 -8.38 3.99 -0.45
N LEU A 15 -7.46 4.94 -0.41
CA LEU A 15 -6.06 4.67 -0.08
C LEU A 15 -5.95 4.00 1.30
N LYS A 16 -6.70 4.54 2.26
CA LYS A 16 -6.73 4.02 3.62
C LYS A 16 -7.22 2.58 3.63
N THR A 17 -8.26 2.33 2.83
CA THR A 17 -8.82 0.99 2.71
C THR A 17 -7.77 0.04 2.15
N VAL A 18 -7.00 0.51 1.18
CA VAL A 18 -5.92 -0.28 0.61
C VAL A 18 -4.88 -0.64 1.66
N LEU A 19 -4.45 0.35 2.45
CA LEU A 19 -3.49 0.09 3.53
C LEU A 19 -3.99 -0.94 4.54
N GLU A 20 -5.25 -0.78 4.95
CA GLU A 20 -5.87 -1.72 5.88
C GLU A 20 -5.92 -3.15 5.30
N LEU A 21 -6.26 -3.24 4.02
CA LEU A 21 -6.29 -4.53 3.33
C LEU A 21 -4.91 -5.15 3.32
N GLN A 22 -3.88 -4.34 3.07
CA GLN A 22 -2.51 -4.83 3.04
C GLN A 22 -2.13 -5.39 4.40
N TYR A 23 -2.54 -4.69 5.45
CA TYR A 23 -2.33 -5.18 6.82
C TYR A 23 -2.98 -6.54 7.05
N VAL A 24 -4.26 -6.63 6.72
CA VAL A 24 -5.01 -7.87 6.91
C VAL A 24 -4.39 -9.03 6.14
N LEU A 25 -4.12 -8.81 4.86
CA LEU A 25 -3.53 -9.84 4.01
C LEU A 25 -2.17 -10.27 4.54
N ASP A 26 -1.41 -9.34 5.11
CA ASP A 26 -0.14 -9.70 5.72
C ASP A 26 -0.35 -10.59 6.94
N LYS A 27 -1.38 -10.29 7.73
CA LYS A 27 -1.69 -11.09 8.90
C LYS A 27 -2.29 -12.46 8.56
N LEU A 28 -2.80 -12.60 7.33
CA LEU A 28 -3.39 -13.86 6.90
C LEU A 28 -2.40 -14.98 6.66
N GLY A 29 -1.12 -14.71 6.93
CA GLY A 29 -0.10 -15.75 6.84
C GLY A 29 0.04 -16.54 8.12
N ASP A 30 -0.50 -16.02 9.21
CA ASP A 30 -0.43 -16.68 10.51
C ASP A 30 -1.57 -17.68 10.74
N ASP A 31 -1.20 -18.91 11.13
CA ASP A 31 -2.16 -19.98 11.33
C ASP A 31 -3.04 -19.74 12.55
N GLU A 32 -2.51 -19.03 13.55
CA GLU A 32 -3.31 -18.65 14.69
C GLU A 32 -4.43 -17.73 14.21
N VAL A 33 -4.06 -16.73 13.41
CA VAL A 33 -5.03 -15.82 12.81
C VAL A 33 -6.03 -16.56 11.91
N ARG A 34 -5.51 -17.39 11.02
CA ARG A 34 -6.35 -18.14 10.07
C ARG A 34 -7.37 -19.02 10.79
N THR A 35 -6.92 -19.71 11.83
CA THR A 35 -7.82 -20.52 12.65
C THR A 35 -8.84 -19.64 13.35
N ASP A 36 -8.37 -18.56 13.96
CA ASP A 36 -9.24 -17.62 14.66
C ASP A 36 -10.33 -17.04 13.74
N LEU A 37 -10.06 -16.97 12.44
CA LEU A 37 -11.05 -16.49 11.50
C LEU A 37 -11.94 -17.61 10.99
N LYS A 38 -11.42 -18.82 10.99
CA LYS A 38 -12.21 -19.95 10.53
C LYS A 38 -13.27 -20.39 11.52
N GLN A 39 -12.94 -20.24 12.79
CA GLN A 39 -13.94 -20.35 13.81
C GLN A 39 -14.43 -18.93 13.95
N GLY A 40 -15.62 -18.76 14.49
CA GLY A 40 -16.16 -17.45 14.74
C GLY A 40 -15.72 -17.00 16.11
N LEU A 41 -16.61 -16.26 16.76
CA LEU A 41 -16.44 -16.00 18.18
C LEU A 41 -17.28 -17.08 18.83
N ASN A 42 -17.99 -17.83 17.99
CA ASN A 42 -18.86 -18.89 18.46
C ASN A 42 -19.22 -19.95 17.43
N GLY A 43 -18.20 -20.46 16.76
CA GLY A 43 -18.44 -21.47 15.73
C GLY A 43 -19.30 -20.97 14.58
N VAL A 44 -19.31 -19.65 14.38
CA VAL A 44 -19.85 -19.09 13.14
C VAL A 44 -18.72 -18.36 12.41
N PRO A 45 -18.05 -19.10 11.52
CA PRO A 45 -16.85 -18.66 10.84
C PRO A 45 -16.96 -17.24 10.29
N ILE A 46 -15.87 -16.50 10.38
CA ILE A 46 -15.76 -15.21 9.70
C ILE A 46 -15.44 -15.55 8.26
N LEU A 47 -14.67 -16.62 8.09
CA LEU A 47 -14.22 -17.09 6.78
C LEU A 47 -14.37 -18.60 6.68
N SER A 48 -14.50 -19.11 5.46
CA SER A 48 -14.42 -20.54 5.23
C SER A 48 -13.08 -20.77 4.51
N GLU A 49 -12.58 -22.00 4.47
CA GLU A 49 -11.29 -22.28 3.82
C GLU A 49 -11.27 -21.83 2.37
N GLU A 50 -12.40 -21.90 1.70
CA GLU A 50 -12.47 -21.47 0.30
C GLU A 50 -12.22 -19.97 0.19
N GLU A 51 -12.86 -19.19 1.04
CA GLU A 51 -12.71 -17.74 1.04
C GLU A 51 -11.29 -17.34 1.44
N LEU A 52 -10.79 -17.96 2.51
CA LEU A 52 -9.44 -17.68 2.96
C LEU A 52 -8.43 -18.05 1.86
N SER A 53 -8.71 -19.13 1.14
CA SER A 53 -7.89 -19.54 0.00
C SER A 53 -7.92 -18.49 -1.11
N LEU A 54 -9.12 -17.98 -1.42
CA LEU A 54 -9.27 -16.94 -2.42
C LEU A 54 -8.47 -15.69 -2.05
N LEU A 55 -8.44 -15.37 -0.76
CA LEU A 55 -7.66 -14.24 -0.28
C LEU A 55 -6.16 -14.52 -0.39
N ASP A 56 -5.77 -15.77 -0.13
CA ASP A 56 -4.37 -16.18 -0.28
C ASP A 56 -3.95 -15.98 -1.73
N GLU A 57 -4.85 -16.32 -2.64
CA GLU A 57 -4.60 -16.24 -4.08
C GLU A 57 -4.56 -14.81 -4.61
N PHE A 58 -5.46 -13.97 -4.09
CA PHE A 58 -5.55 -12.56 -4.48
C PHE A 58 -4.35 -11.78 -3.95
N TYR A 59 -3.91 -12.14 -2.75
CA TYR A 59 -2.75 -11.51 -2.15
C TYR A 59 -1.53 -11.57 -3.05
N LYS A 60 -1.33 -12.70 -3.71
CA LYS A 60 -0.24 -12.86 -4.66
C LYS A 60 -0.36 -11.87 -5.81
N LEU A 61 -1.60 -11.63 -6.24
CA LEU A 61 -1.85 -10.75 -7.36
C LEU A 61 -1.56 -9.30 -7.00
N VAL A 62 -1.93 -8.89 -5.78
CA VAL A 62 -1.74 -7.49 -5.41
C VAL A 62 -0.40 -7.21 -4.74
N ASP A 63 0.29 -8.27 -4.33
CA ASP A 63 1.65 -8.16 -3.83
C ASP A 63 2.56 -9.14 -4.57
N PRO A 64 2.78 -8.90 -5.87
CA PRO A 64 3.49 -9.87 -6.70
C PRO A 64 4.99 -9.93 -6.37
N GLU A 65 5.58 -11.11 -6.57
CA GLU A 65 7.02 -11.26 -6.40
C GLU A 65 7.73 -10.41 -7.44
N ARG A 66 8.82 -9.77 -7.04
CA ARG A 66 9.59 -8.91 -7.94
C ARG A 66 10.15 -9.68 -9.15
N ASP A 67 9.73 -9.28 -10.34
CA ASP A 67 10.25 -9.84 -11.58
C ASP A 67 11.19 -8.80 -12.20
N SER A 69 12.50 -8.70 -15.08
CA SER A 69 12.20 -8.46 -16.49
C SER A 69 11.36 -7.19 -16.65
N LEU A 70 10.63 -6.85 -15.60
CA LEU A 70 9.79 -5.66 -15.58
C LEU A 70 10.51 -4.51 -14.90
N ARG A 71 10.28 -3.29 -15.36
CA ARG A 71 10.76 -2.12 -14.64
C ARG A 71 9.96 -1.98 -13.37
N LEU A 72 10.47 -1.18 -12.43
CA LEU A 72 9.77 -0.97 -11.17
C LEU A 72 8.42 -0.31 -11.44
N ASN A 73 8.41 0.60 -12.41
CA ASN A 73 7.16 1.28 -12.79
C ASN A 73 6.25 0.42 -13.66
N GLU A 74 6.65 -0.83 -13.89
CA GLU A 74 5.81 -1.78 -14.63
C GLU A 74 5.29 -2.87 -13.71
N GLN A 75 6.01 -3.10 -12.60
CA GLN A 75 5.74 -4.21 -11.69
C GLN A 75 4.34 -4.20 -11.10
N TYR A 76 3.82 -3.02 -10.77
CA TYR A 76 2.58 -2.91 -10.00
C TYR A 76 1.37 -2.38 -10.77
N GLU A 77 1.44 -2.34 -12.09
CA GLU A 77 0.31 -1.93 -12.91
C GLU A 77 -0.91 -2.81 -12.65
N HIS A 78 -0.71 -4.11 -12.87
CA HIS A 78 -1.74 -5.11 -12.67
C HIS A 78 -2.21 -5.17 -11.21
N ALA A 79 -1.27 -5.02 -10.28
CA ALA A 79 -1.62 -4.96 -8.88
C ALA A 79 -2.55 -3.79 -8.59
N SER A 80 -2.16 -2.61 -9.08
CA SER A 80 -2.98 -1.41 -8.93
C SER A 80 -4.38 -1.60 -9.51
N ILE A 81 -4.46 -2.20 -10.68
CA ILE A 81 -5.76 -2.44 -11.31
C ILE A 81 -6.59 -3.46 -10.51
N HIS A 82 -5.91 -4.43 -9.92
CA HIS A 82 -6.59 -5.44 -9.09
C HIS A 82 -7.18 -4.78 -7.85
N LEU A 83 -6.41 -3.91 -7.23
CA LEU A 83 -6.87 -3.19 -6.04
C LEU A 83 -8.04 -2.30 -6.40
N TRP A 84 -7.91 -1.63 -7.55
CA TRP A 84 -8.99 -0.78 -8.07
C TRP A 84 -10.29 -1.52 -8.31
N ASP A 85 -10.19 -2.65 -9.01
CA ASP A 85 -11.34 -3.47 -9.33
C ASP A 85 -11.96 -4.02 -8.06
N LEU A 86 -11.12 -4.33 -7.08
CA LEU A 86 -11.61 -4.81 -5.79
C LEU A 86 -12.41 -3.73 -5.07
N LEU A 87 -11.84 -2.53 -4.99
CA LEU A 87 -12.54 -1.40 -4.37
C LEU A 87 -13.88 -1.16 -5.04
N GLU A 88 -13.87 -1.12 -6.37
CA GLU A 88 -15.11 -0.95 -7.13
C GLU A 88 -16.04 -2.14 -6.96
N GLY A 89 -15.46 -3.28 -6.59
CA GLY A 89 -16.23 -4.50 -6.42
C GLY A 89 -16.90 -4.92 -7.71
N LYS A 90 -16.10 -5.05 -8.76
CA LYS A 90 -16.62 -5.31 -10.10
C LYS A 90 -16.94 -6.79 -10.29
N GLU A 91 -17.75 -7.09 -11.30
CA GLU A 91 -17.94 -8.46 -11.73
C GLU A 91 -17.07 -8.72 -12.95
N LYS A 92 -15.78 -8.78 -12.69
CA LYS A 92 -14.77 -9.15 -13.67
C LYS A 92 -14.09 -10.35 -13.04
N PRO A 93 -13.79 -11.39 -13.84
CA PRO A 93 -13.25 -12.60 -13.23
C PRO A 93 -11.89 -12.40 -12.57
N VAL A 94 -11.73 -13.02 -11.40
CA VAL A 94 -10.47 -13.02 -10.67
C VAL A 94 -10.48 -14.16 -9.64
N CYS A 95 -9.38 -14.89 -9.56
CA CYS A 95 -9.26 -16.04 -8.66
C CYS A 95 -10.37 -17.09 -8.84
N GLY A 96 -10.97 -17.13 -10.02
CA GLY A 96 -12.03 -18.07 -10.29
C GLY A 96 -13.38 -17.56 -9.80
N THR A 97 -13.42 -16.28 -9.45
CA THR A 97 -14.63 -15.65 -8.94
C THR A 97 -14.65 -14.19 -9.40
N THR A 98 -15.34 -13.34 -8.66
CA THR A 98 -15.43 -11.93 -9.02
C THR A 98 -14.86 -11.02 -7.94
N TYR A 99 -14.49 -9.80 -8.31
CA TYR A 99 -14.04 -8.79 -7.36
C TYR A 99 -15.16 -8.41 -6.41
N LYS A 100 -16.39 -8.61 -6.86
CA LYS A 100 -17.56 -8.34 -6.05
C LYS A 100 -17.58 -9.27 -4.84
N VAL A 101 -17.38 -10.56 -5.09
CA VAL A 101 -17.33 -11.57 -4.04
C VAL A 101 -16.19 -11.32 -3.07
N LEU A 102 -15.00 -11.09 -3.62
CA LEU A 102 -13.83 -10.77 -2.80
C LEU A 102 -14.07 -9.55 -1.93
N LYS A 103 -14.71 -8.54 -2.51
CA LYS A 103 -15.04 -7.33 -1.77
C LYS A 103 -15.99 -7.63 -0.63
N GLU A 104 -16.96 -8.51 -0.86
CA GLU A 104 -17.87 -8.92 0.21
C GLU A 104 -17.15 -9.70 1.32
N ILE A 105 -16.23 -10.57 0.92
CA ILE A 105 -15.44 -11.35 1.88
C ILE A 105 -14.59 -10.46 2.77
N VAL A 106 -13.80 -9.58 2.14
CA VAL A 106 -12.99 -8.61 2.85
C VAL A 106 -13.86 -7.70 3.71
N GLU A 107 -15.04 -7.38 3.21
CA GLU A 107 -16.01 -6.55 3.92
C GLU A 107 -16.39 -7.22 5.22
N ARG A 108 -16.70 -8.51 5.15
CA ARG A 108 -17.06 -9.28 6.33
C ARG A 108 -15.89 -9.40 7.31
N VAL A 109 -14.69 -9.55 6.77
CA VAL A 109 -13.49 -9.61 7.62
C VAL A 109 -13.30 -8.30 8.38
N PHE A 110 -13.46 -7.18 7.68
CA PHE A 110 -13.36 -5.86 8.28
C PHE A 110 -14.42 -5.69 9.36
N GLN A 111 -15.63 -6.16 9.06
CA GLN A 111 -16.78 -5.94 9.92
C GLN A 111 -16.78 -6.90 11.11
N SER A 112 -15.91 -7.90 11.07
CA SER A 112 -15.76 -8.82 12.19
C SER A 112 -15.07 -8.11 13.36
N ASN A 113 -14.27 -7.10 13.04
CA ASN A 113 -13.51 -6.33 14.04
C ASN A 113 -12.43 -7.14 14.77
N TYR A 114 -12.01 -8.25 14.17
CA TYR A 114 -10.95 -9.09 14.74
C TYR A 114 -9.64 -8.31 14.88
N PHE A 115 -9.36 -7.47 13.89
CA PHE A 115 -8.11 -6.74 13.84
C PHE A 115 -8.18 -5.40 14.59
N ASP A 116 -9.25 -5.20 15.35
CA ASP A 116 -9.37 -4.01 16.18
C ASP A 116 -8.62 -4.29 17.46
N SER A 117 -8.49 -5.55 17.80
CA SER A 117 -7.67 -5.91 18.93
C SER A 117 -6.30 -6.19 18.33
N THR A 118 -5.28 -6.22 19.17
CA THR A 118 -3.94 -6.58 18.72
C THR A 118 -3.46 -7.80 19.48
N HIS A 119 -2.67 -8.66 18.82
CA HIS A 119 -2.26 -9.91 19.43
C HIS A 119 -0.77 -10.14 19.21
N ASN A 120 -0.04 -9.06 18.95
CA ASN A 120 1.40 -9.12 18.78
C ASN A 120 2.15 -9.07 20.12
N ARG B 1 -17.48 13.97 -18.42
CA ARG B 1 -17.81 12.56 -18.19
C ARG B 1 -16.76 11.67 -18.83
N ARG B 2 -15.86 12.28 -19.58
CA ARG B 2 -14.61 11.64 -19.93
C ARG B 2 -13.61 12.05 -18.86
N GLU B 3 -14.01 13.06 -18.10
CA GLU B 3 -13.21 13.57 -17.01
C GLU B 3 -13.28 12.62 -15.82
N GLN B 4 -14.41 11.94 -15.68
CA GLN B 4 -14.56 10.96 -14.61
C GLN B 4 -13.62 9.78 -14.88
N LEU B 5 -13.60 9.31 -16.12
CA LEU B 5 -12.75 8.20 -16.50
C LEU B 5 -11.28 8.59 -16.41
N ARG B 7 -10.21 10.72 -14.24
CA ARG B 7 -10.02 10.70 -12.80
C ARG B 7 -9.73 9.29 -12.29
N GLU B 8 -10.49 8.32 -12.79
CA GLU B 8 -10.29 6.92 -12.42
C GLU B 8 -8.88 6.48 -12.80
N GLU B 9 -8.47 6.80 -14.02
CA GLU B 9 -7.13 6.46 -14.49
C GLU B 9 -6.08 7.09 -13.58
N ALA B 10 -6.32 8.34 -13.19
CA ALA B 10 -5.39 9.06 -12.33
C ALA B 10 -5.27 8.39 -10.96
N GLU B 11 -6.41 7.97 -10.41
CA GLU B 11 -6.44 7.30 -9.12
C GLU B 11 -5.69 5.98 -9.18
N GLN B 12 -5.91 5.22 -10.26
CA GLN B 12 -5.21 3.95 -10.46
C GLN B 12 -3.70 4.16 -10.54
N LYS B 13 -3.28 5.15 -11.32
CA LYS B 13 -1.86 5.47 -11.45
C LYS B 13 -1.28 5.85 -10.10
N ARG B 14 -2.08 6.54 -9.30
CA ARG B 14 -1.67 6.91 -7.96
C ARG B 14 -1.48 5.67 -7.08
N LEU B 15 -2.39 4.72 -7.18
CA LEU B 15 -2.23 3.46 -6.45
C LEU B 15 -0.94 2.76 -6.85
N LYS B 16 -0.67 2.74 -8.15
CA LYS B 16 0.55 2.10 -8.66
C LYS B 16 1.79 2.77 -8.10
N THR B 17 1.76 4.10 -8.07
CA THR B 17 2.87 4.88 -7.52
C THR B 17 3.06 4.59 -6.03
N VAL B 18 1.95 4.46 -5.31
CA VAL B 18 2.00 4.12 -3.90
C VAL B 18 2.67 2.76 -3.70
N LEU B 19 2.25 1.77 -4.49
CA LEU B 19 2.86 0.45 -4.42
C LEU B 19 4.37 0.48 -4.69
N GLU B 20 4.77 1.21 -5.73
CA GLU B 20 6.19 1.34 -6.06
C GLU B 20 6.95 1.97 -4.89
N LEU B 21 6.34 3.00 -4.30
CA LEU B 21 6.94 3.69 -3.15
C LEU B 21 7.09 2.75 -1.96
N GLN B 22 6.08 1.93 -1.72
CA GLN B 22 6.12 0.97 -0.62
C GLN B 22 7.26 0.00 -0.84
N TYR B 23 7.43 -0.42 -2.09
CA TYR B 23 8.54 -1.30 -2.45
C TYR B 23 9.88 -0.63 -2.12
N VAL B 24 10.06 0.60 -2.59
CA VAL B 24 11.30 1.33 -2.36
C VAL B 24 11.62 1.53 -0.88
N LEU B 25 10.65 2.05 -0.14
CA LEU B 25 10.83 2.29 1.28
C LEU B 25 11.12 0.99 2.01
N ASP B 26 10.53 -0.09 1.52
CA ASP B 26 10.75 -1.42 2.09
C ASP B 26 12.21 -1.82 1.84
N LYS B 27 12.72 -1.50 0.65
CA LYS B 27 14.11 -1.83 0.31
C LYS B 27 15.12 -0.94 1.02
N LEU B 28 14.68 0.22 1.48
CA LEU B 28 15.55 1.17 2.15
C LEU B 28 15.92 0.71 3.56
N GLY B 29 15.44 -0.47 3.93
CA GLY B 29 15.81 -1.09 5.19
C GLY B 29 17.09 -1.89 5.05
N ASP B 30 17.48 -2.15 3.80
CA ASP B 30 18.70 -2.92 3.52
C ASP B 30 19.94 -2.02 3.49
N ASP B 31 20.99 -2.45 4.20
CA ASP B 31 22.21 -1.65 4.33
C ASP B 31 22.96 -1.53 2.99
N GLU B 32 22.87 -2.58 2.16
CA GLU B 32 23.45 -2.54 0.83
C GLU B 32 22.79 -1.50 -0.04
N VAL B 33 21.46 -1.51 -0.04
CA VAL B 33 20.68 -0.55 -0.81
C VAL B 33 21.03 0.86 -0.34
N ARG B 34 21.02 1.05 0.97
CA ARG B 34 21.31 2.35 1.56
C ARG B 34 22.70 2.87 1.18
N THR B 35 23.72 2.01 1.27
CA THR B 35 25.07 2.41 0.87
C THR B 35 25.17 2.71 -0.62
N ASP B 36 24.64 1.80 -1.43
CA ASP B 36 24.64 1.93 -2.89
C ASP B 36 23.93 3.19 -3.36
N LEU B 37 22.99 3.67 -2.56
CA LEU B 37 22.28 4.90 -2.88
C LEU B 37 22.99 6.11 -2.30
N LYS B 38 23.70 5.88 -1.20
CA LYS B 38 24.47 6.94 -0.53
C LYS B 38 25.73 7.28 -1.32
N GLN B 39 26.30 6.26 -1.96
CA GLN B 39 27.29 6.47 -3.00
C GLN B 39 26.52 6.51 -4.29
N GLY B 40 27.10 7.04 -5.36
CA GLY B 40 26.39 7.04 -6.62
C GLY B 40 26.60 5.74 -7.36
N LEU B 41 26.61 5.81 -8.68
CA LEU B 41 27.02 4.67 -9.48
C LEU B 41 28.49 4.86 -9.83
N ASN B 42 28.99 6.04 -9.50
CA ASN B 42 30.39 6.41 -9.70
C ASN B 42 30.76 7.66 -8.91
N GLY B 43 30.50 7.60 -7.61
CA GLY B 43 30.73 8.73 -6.72
C GLY B 43 29.89 9.98 -6.97
N VAL B 44 28.74 9.83 -7.63
CA VAL B 44 27.75 10.91 -7.65
C VAL B 44 26.42 10.39 -7.05
N PRO B 45 26.30 10.50 -5.71
CA PRO B 45 25.21 9.95 -4.89
C PRO B 45 23.81 10.27 -5.39
N ILE B 46 22.90 9.29 -5.28
CA ILE B 46 21.48 9.55 -5.48
C ILE B 46 20.94 10.16 -4.19
N LEU B 47 21.50 9.72 -3.06
CA LEU B 47 21.03 10.15 -1.75
C LEU B 47 22.14 10.60 -0.82
N SER B 48 21.79 11.50 0.09
CA SER B 48 22.65 11.90 1.20
C SER B 48 22.06 11.37 2.50
N GLU B 49 22.87 11.38 3.56
CA GLU B 49 22.45 10.86 4.86
C GLU B 49 21.20 11.57 5.37
N GLU B 50 21.09 12.86 5.07
CA GLU B 50 19.93 13.67 5.45
C GLU B 50 18.66 13.22 4.74
N GLU B 51 18.78 13.02 3.43
CA GLU B 51 17.64 12.63 2.60
C GLU B 51 17.16 11.24 3.00
N LEU B 52 18.12 10.32 3.16
CA LEU B 52 17.81 8.95 3.56
C LEU B 52 17.14 8.94 4.93
N SER B 53 17.60 9.83 5.82
CA SER B 53 17.00 10.00 7.13
C SER B 53 15.56 10.45 6.99
N LEU B 54 15.34 11.43 6.11
CA LEU B 54 13.99 11.92 5.83
C LEU B 54 13.08 10.80 5.35
N LEU B 55 13.63 9.91 4.52
CA LEU B 55 12.86 8.79 4.01
C LEU B 55 12.53 7.76 5.09
N ASP B 56 13.48 7.50 5.99
CA ASP B 56 13.21 6.61 7.13
C ASP B 56 12.10 7.20 8.00
N GLU B 57 12.18 8.51 8.20
CA GLU B 57 11.23 9.21 9.06
C GLU B 57 9.83 9.25 8.46
N PHE B 58 9.75 9.42 7.14
CA PHE B 58 8.45 9.40 6.46
C PHE B 58 7.91 7.98 6.46
N TYR B 59 8.82 7.03 6.28
CA TYR B 59 8.50 5.61 6.34
C TYR B 59 7.82 5.27 7.67
N LYS B 60 8.30 5.89 8.74
CA LYS B 60 7.68 5.68 10.05
C LYS B 60 6.21 6.06 10.01
N LEU B 61 5.92 7.15 9.30
CA LEU B 61 4.56 7.68 9.21
C LEU B 61 3.63 6.85 8.33
N VAL B 62 4.15 6.33 7.22
CA VAL B 62 3.28 5.62 6.28
C VAL B 62 3.17 4.12 6.50
N ASP B 63 4.06 3.56 7.31
CA ASP B 63 3.96 2.16 7.72
C ASP B 63 4.00 2.06 9.23
N PRO B 64 2.98 2.60 9.91
CA PRO B 64 3.05 2.68 11.37
C PRO B 64 2.85 1.34 12.07
N GLU B 65 3.52 1.18 13.20
CA GLU B 65 3.33 0.03 14.07
C GLU B 65 1.91 0.10 14.63
N ARG B 66 1.27 -1.06 14.81
CA ARG B 66 -0.08 -1.10 15.36
C ARG B 66 -0.14 -0.46 16.74
N ASP B 67 -0.99 0.54 16.89
CA ASP B 67 -1.20 1.21 18.17
C ASP B 67 -2.48 0.64 18.76
N SER B 69 -4.44 1.68 20.85
CA SER B 69 -5.48 2.65 21.10
C SER B 69 -6.42 2.78 19.90
N LEU B 70 -5.92 2.43 18.73
CA LEU B 70 -6.69 2.56 17.50
C LEU B 70 -7.38 1.28 17.01
N ARG B 71 -8.58 1.47 16.45
CA ARG B 71 -9.26 0.43 15.70
C ARG B 71 -8.54 0.31 14.37
N LEU B 72 -8.78 -0.78 13.63
CA LEU B 72 -8.10 -0.98 12.36
C LEU B 72 -8.44 0.11 11.33
N ASN B 73 -9.69 0.57 11.32
CA ASN B 73 -10.11 1.60 10.38
C ASN B 73 -9.67 3.02 10.77
N GLU B 74 -8.90 3.11 11.85
CA GLU B 74 -8.36 4.38 12.30
C GLU B 74 -6.84 4.40 12.09
N GLN B 75 -6.25 3.21 12.04
CA GLN B 75 -4.81 3.05 12.04
C GLN B 75 -4.12 3.77 10.89
N TYR B 76 -4.76 3.78 9.71
CA TYR B 76 -4.11 4.27 8.51
C TYR B 76 -4.67 5.58 7.95
N GLU B 77 -5.45 6.28 8.76
CA GLU B 77 -5.97 7.59 8.39
C GLU B 77 -4.83 8.55 8.07
N HIS B 78 -3.95 8.75 9.05
CA HIS B 78 -2.84 9.67 8.87
C HIS B 78 -1.91 9.17 7.77
N ALA B 79 -1.72 7.85 7.70
CA ALA B 79 -0.88 7.26 6.65
C ALA B 79 -1.44 7.58 5.26
N SER B 80 -2.74 7.38 5.08
CA SER B 80 -3.40 7.69 3.83
C SER B 80 -3.23 9.17 3.46
N ILE B 81 -3.40 10.05 4.45
CA ILE B 81 -3.24 11.48 4.19
C ILE B 81 -1.80 11.83 3.85
N HIS B 82 -0.85 11.16 4.50
CA HIS B 82 0.57 11.39 4.25
C HIS B 82 0.94 11.00 2.83
N LEU B 83 0.47 9.83 2.41
CA LEU B 83 0.76 9.36 1.06
C LEU B 83 0.12 10.27 0.02
N TRP B 84 -1.13 10.63 0.26
CA TRP B 84 -1.84 11.50 -0.67
C TRP B 84 -1.13 12.86 -0.80
N ASP B 85 -0.76 13.44 0.34
CA ASP B 85 -0.04 14.72 0.34
C ASP B 85 1.33 14.61 -0.32
N LEU B 86 1.97 13.45 -0.18
CA LEU B 86 3.24 13.22 -0.83
C LEU B 86 3.05 13.23 -2.33
N LEU B 87 2.04 12.50 -2.79
CA LEU B 87 1.68 12.44 -4.20
C LEU B 87 1.42 13.84 -4.74
N GLU B 88 0.66 14.63 -4.00
CA GLU B 88 0.37 16.00 -4.38
C GLU B 88 1.61 16.90 -4.37
N GLY B 89 2.61 16.50 -3.60
CA GLY B 89 3.83 17.28 -3.47
C GLY B 89 3.57 18.67 -2.95
N LYS B 90 2.89 18.74 -1.81
CA LYS B 90 2.46 20.03 -1.26
C LYS B 90 3.58 20.69 -0.46
N GLU B 91 3.44 21.99 -0.22
CA GLU B 91 4.31 22.67 0.72
C GLU B 91 3.61 22.81 2.05
N LYS B 92 3.45 21.65 2.69
CA LYS B 92 2.93 21.52 4.04
C LYS B 92 4.01 20.81 4.83
N PRO B 93 4.26 21.25 6.08
CA PRO B 93 5.34 20.65 6.85
C PRO B 93 5.13 19.17 7.17
N VAL B 94 6.21 18.39 7.11
CA VAL B 94 6.19 16.99 7.49
C VAL B 94 7.61 16.52 7.80
N CYS B 95 7.76 15.76 8.90
CA CYS B 95 9.07 15.35 9.37
C CYS B 95 9.95 16.58 9.57
N GLY B 96 11.07 16.63 8.87
CA GLY B 96 11.97 17.76 8.96
C GLY B 96 11.90 18.62 7.71
N THR B 97 10.91 18.34 6.86
CA THR B 97 10.77 19.04 5.59
C THR B 97 9.32 19.21 5.15
N THR B 98 9.14 19.30 3.84
CA THR B 98 7.83 19.43 3.22
C THR B 98 7.60 18.25 2.30
N TYR B 99 6.34 17.98 1.96
CA TYR B 99 6.01 16.90 1.05
C TYR B 99 6.59 17.12 -0.36
N LYS B 100 6.82 18.37 -0.71
CA LYS B 100 7.40 18.71 -2.01
C LYS B 100 8.84 18.19 -2.11
N VAL B 101 9.62 18.45 -1.07
CA VAL B 101 11.01 18.02 -1.01
C VAL B 101 11.09 16.49 -1.04
N LEU B 102 10.28 15.85 -0.20
CA LEU B 102 10.20 14.40 -0.16
C LEU B 102 9.82 13.81 -1.51
N LYS B 103 8.86 14.44 -2.19
CA LYS B 103 8.41 13.99 -3.49
C LYS B 103 9.54 14.08 -4.50
N GLU B 104 10.34 15.14 -4.40
CA GLU B 104 11.51 15.29 -5.26
C GLU B 104 12.57 14.21 -4.99
N ILE B 105 12.77 13.90 -3.71
CA ILE B 105 13.70 12.86 -3.31
C ILE B 105 13.28 11.51 -3.90
N VAL B 106 12.01 11.17 -3.70
CA VAL B 106 11.44 9.95 -4.25
C VAL B 106 11.58 9.96 -5.77
N GLU B 107 11.45 11.14 -6.38
CA GLU B 107 11.62 11.28 -7.82
C GLU B 107 13.02 10.89 -8.26
N ARG B 108 14.04 11.41 -7.55
CA ARG B 108 15.42 11.08 -7.89
C ARG B 108 15.69 9.58 -7.69
N VAL B 109 15.13 9.00 -6.63
CA VAL B 109 15.31 7.58 -6.39
C VAL B 109 14.69 6.74 -7.51
N PHE B 110 13.48 7.11 -7.92
CA PHE B 110 12.78 6.44 -9.01
C PHE B 110 13.56 6.56 -10.33
N GLN B 111 14.03 7.76 -10.62
CA GLN B 111 14.65 8.05 -11.91
C GLN B 111 16.11 7.63 -12.01
N SER B 112 16.69 7.24 -10.88
CA SER B 112 18.04 6.70 -10.86
C SER B 112 18.07 5.34 -11.54
N ASN B 113 16.91 4.70 -11.57
CA ASN B 113 16.74 3.36 -12.15
C ASN B 113 17.53 2.30 -11.40
N TYR B 114 17.86 2.61 -10.15
CA TYR B 114 18.59 1.70 -9.29
C TYR B 114 17.82 0.39 -9.14
N PHE B 115 16.50 0.49 -9.03
CA PHE B 115 15.68 -0.69 -8.79
C PHE B 115 15.24 -1.39 -10.08
N ASP B 116 15.76 -0.95 -11.22
CA ASP B 116 15.55 -1.65 -12.48
C ASP B 116 16.64 -2.69 -12.70
N SER B 117 17.81 -2.40 -12.13
CA SER B 117 18.96 -3.30 -12.15
C SER B 117 19.09 -4.14 -10.88
N THR B 118 19.99 -5.12 -10.90
CA THR B 118 20.30 -5.91 -9.72
C THR B 118 21.76 -5.69 -9.34
N HIS B 119 22.03 -5.76 -8.04
CA HIS B 119 23.33 -5.36 -7.52
C HIS B 119 23.89 -6.40 -6.56
#